data_1LDI
#
_entry.id   1LDI
#
_cell.length_a   96.053
_cell.length_b   96.053
_cell.length_c   184.195
_cell.angle_alpha   90.0
_cell.angle_beta   90.0
_cell.angle_gamma   90.00
#
_symmetry.space_group_name_H-M   'I 4 2 2'
#
loop_
_entity.id
_entity.type
_entity.pdbx_description
1 polymer 'Glycerol uptake facilitator protein'
2 non-polymer 'octyl beta-D-glucopyranoside'
3 water water
#
_entity_poly.entity_id   1
_entity_poly.type   'polypeptide(L)'
_entity_poly.pdbx_seq_one_letter_code
;MSQTSTLKGQCIAEFLGTGLLIFFGVGCVAALKVAGASFGQWEISVIWGLGVAMAIYLTAGVSGAHLNPAVTIALWLFAC
FDKRKVIPFIVSQVAGAFCAAALVYGLYYNLFFDFEQTHHIVRGSVESVDLAGTFSTYPNPHINFVQAFAVEMVITAILM
GLILALTDDGNGVPRGPLAPLLIGLLIAVIGASMGPLTGFAMNPARDFGPKVFAWLAGWGNVAFTGGRDIPYFLVPLFGP
IVGAIVGAFAYRKLIGRHLPCDICVVEEKETTTPSEQKASL
;
_entity_poly.pdbx_strand_id   A
#
loop_
_chem_comp.id
_chem_comp.type
_chem_comp.name
_chem_comp.formula
BOG D-saccharide 'octyl beta-D-glucopyranoside' 'C14 H28 O6'
#
# COMPACT_ATOMS: atom_id res chain seq x y z
N THR A 6 1.18 0.79 25.31
CA THR A 6 2.01 -0.45 25.39
C THR A 6 2.34 -0.98 23.99
N LEU A 7 3.63 -1.04 23.70
CA LEU A 7 4.14 -1.50 22.40
C LEU A 7 3.52 -2.78 21.83
N LYS A 8 3.12 -3.71 22.70
CA LYS A 8 2.52 -4.95 22.20
C LYS A 8 1.14 -4.67 21.65
N GLY A 9 0.42 -3.76 22.31
CA GLY A 9 -0.92 -3.42 21.88
C GLY A 9 -0.92 -2.54 20.65
N GLN A 10 0.19 -1.83 20.44
CA GLN A 10 0.33 -0.97 19.28
C GLN A 10 0.68 -1.82 18.06
N CYS A 11 1.49 -2.84 18.27
CA CYS A 11 1.88 -3.74 17.20
C CYS A 11 0.66 -4.53 16.74
N ILE A 12 -0.20 -4.87 17.69
CA ILE A 12 -1.40 -5.61 17.36
C ILE A 12 -2.29 -4.72 16.49
N ALA A 13 -2.42 -3.46 16.89
CA ALA A 13 -3.24 -2.51 16.13
C ALA A 13 -2.69 -2.34 14.70
N GLU A 14 -1.38 -2.18 14.58
CA GLU A 14 -0.76 -2.00 13.27
C GLU A 14 -0.98 -3.26 12.42
N PHE A 15 -0.88 -4.42 13.06
CA PHE A 15 -1.07 -5.69 12.37
C PHE A 15 -2.48 -5.74 11.75
N LEU A 16 -3.48 -5.45 12.57
CA LEU A 16 -4.88 -5.45 12.15
C LEU A 16 -5.18 -4.34 11.16
N GLY A 17 -4.67 -3.15 11.44
CA GLY A 17 -4.91 -2.03 10.55
C GLY A 17 -4.39 -2.31 9.15
N THR A 18 -3.15 -2.73 9.04
CA THR A 18 -2.59 -3.03 7.74
C THR A 18 -3.35 -4.19 7.09
N GLY A 19 -3.74 -5.17 7.89
CA GLY A 19 -4.47 -6.30 7.35
C GLY A 19 -5.85 -5.88 6.87
N LEU A 20 -6.51 -5.01 7.62
CA LEU A 20 -7.85 -4.52 7.27
C LEU A 20 -7.73 -3.83 5.90
N LEU A 21 -6.73 -2.96 5.82
CA LEU A 21 -6.40 -2.19 4.64
C LEU A 21 -6.21 -3.12 3.42
N ILE A 22 -5.39 -4.16 3.56
CA ILE A 22 -5.17 -5.10 2.46
C ILE A 22 -6.38 -5.99 2.18
N PHE A 23 -7.20 -6.23 3.21
CA PHE A 23 -8.37 -7.05 3.02
C PHE A 23 -9.27 -6.41 1.95
N PHE A 24 -9.62 -5.15 2.16
CA PHE A 24 -10.46 -4.39 1.24
C PHE A 24 -9.78 -4.16 -0.11
N GLY A 25 -8.51 -3.77 -0.08
CA GLY A 25 -7.78 -3.51 -1.31
C GLY A 25 -7.61 -4.71 -2.23
N VAL A 26 -6.92 -5.73 -1.73
CA VAL A 26 -6.68 -6.93 -2.50
C VAL A 26 -8.03 -7.57 -2.84
N GLY A 27 -8.98 -7.43 -1.92
CA GLY A 27 -10.30 -8.00 -2.14
C GLY A 27 -11.02 -7.43 -3.36
N CYS A 28 -11.12 -6.11 -3.47
CA CYS A 28 -11.81 -5.54 -4.62
C CYS A 28 -11.04 -5.88 -5.90
N VAL A 29 -9.73 -6.05 -5.81
CA VAL A 29 -8.97 -6.38 -7.00
C VAL A 29 -9.12 -7.85 -7.39
N ALA A 30 -9.48 -8.70 -6.43
CA ALA A 30 -9.70 -10.11 -6.70
C ALA A 30 -11.05 -10.25 -7.39
N ALA A 31 -12.00 -9.40 -6.98
CA ALA A 31 -13.34 -9.39 -7.53
C ALA A 31 -13.28 -8.95 -8.99
N LEU A 32 -12.38 -8.00 -9.28
CA LEU A 32 -12.20 -7.46 -10.62
C LEU A 32 -11.54 -8.50 -11.54
N LYS A 33 -10.46 -9.10 -11.06
CA LYS A 33 -9.71 -10.10 -11.81
C LYS A 33 -10.40 -11.45 -12.03
N VAL A 34 -10.72 -12.14 -10.95
CA VAL A 34 -11.33 -13.47 -11.05
C VAL A 34 -12.83 -13.59 -10.78
N ALA A 35 -13.48 -12.52 -10.35
CA ALA A 35 -14.90 -12.58 -10.10
C ALA A 35 -15.69 -11.89 -11.20
N GLY A 36 -14.97 -11.16 -12.06
CA GLY A 36 -15.63 -10.49 -13.16
C GLY A 36 -16.54 -9.33 -12.79
N ALA A 37 -16.17 -8.59 -11.75
CA ALA A 37 -16.95 -7.45 -11.29
C ALA A 37 -16.53 -6.17 -12.02
N SER A 38 -17.46 -5.29 -12.37
CA SER A 38 -17.11 -4.05 -13.07
C SER A 38 -16.51 -3.03 -12.11
N PHE A 39 -15.32 -2.54 -12.45
CA PHE A 39 -14.60 -1.58 -11.63
C PHE A 39 -13.76 -0.69 -12.55
N GLY A 40 -13.87 0.62 -12.39
CA GLY A 40 -13.06 1.51 -13.21
C GLY A 40 -11.82 1.89 -12.43
N GLN A 41 -10.90 2.65 -13.03
CA GLN A 41 -9.69 3.05 -12.31
C GLN A 41 -10.02 3.81 -11.01
N TRP A 42 -11.04 4.67 -11.06
CA TRP A 42 -11.47 5.45 -9.90
C TRP A 42 -12.09 4.60 -8.78
N GLU A 43 -13.01 3.71 -9.12
CA GLU A 43 -13.64 2.87 -8.12
C GLU A 43 -12.62 2.01 -7.36
N ILE A 44 -11.67 1.44 -8.08
CA ILE A 44 -10.63 0.63 -7.45
C ILE A 44 -9.84 1.53 -6.50
N SER A 45 -9.60 2.76 -6.93
CA SER A 45 -8.86 3.72 -6.14
C SER A 45 -9.64 4.17 -4.91
N VAL A 46 -10.92 4.43 -5.06
CA VAL A 46 -11.70 4.91 -3.93
C VAL A 46 -11.87 3.81 -2.89
N ILE A 47 -11.93 2.56 -3.34
CA ILE A 47 -12.09 1.46 -2.41
C ILE A 47 -10.81 1.33 -1.57
N TRP A 48 -9.65 1.36 -2.23
CA TRP A 48 -8.39 1.28 -1.53
C TRP A 48 -8.34 2.44 -0.54
N GLY A 49 -8.55 3.64 -1.07
CA GLY A 49 -8.54 4.83 -0.24
C GLY A 49 -9.41 4.69 1.01
N LEU A 50 -10.70 4.43 0.83
CA LEU A 50 -11.61 4.29 1.96
C LEU A 50 -11.27 3.10 2.86
N GLY A 51 -10.63 2.09 2.29
CA GLY A 51 -10.28 0.93 3.08
C GLY A 51 -9.23 1.36 4.08
N VAL A 52 -8.29 2.17 3.60
CA VAL A 52 -7.21 2.69 4.43
C VAL A 52 -7.77 3.65 5.49
N ALA A 53 -8.88 4.31 5.15
CA ALA A 53 -9.54 5.26 6.03
C ALA A 53 -10.11 4.54 7.24
N MET A 54 -10.71 3.39 6.98
CA MET A 54 -11.30 2.56 8.04
C MET A 54 -10.17 2.00 8.90
N ALA A 55 -9.11 1.57 8.25
CA ALA A 55 -7.96 1.01 8.95
C ALA A 55 -7.50 2.04 9.98
N ILE A 56 -7.40 3.30 9.56
CA ILE A 56 -6.99 4.39 10.43
C ILE A 56 -7.98 4.57 11.60
N TYR A 57 -9.27 4.66 11.31
CA TYR A 57 -10.25 4.84 12.37
C TYR A 57 -10.16 3.74 13.42
N LEU A 58 -9.75 2.56 12.98
CA LEU A 58 -9.65 1.41 13.86
C LEU A 58 -8.45 1.45 14.81
N THR A 59 -7.30 1.88 14.29
CA THR A 59 -6.06 1.88 15.07
C THR A 59 -5.44 3.22 15.52
N ALA A 60 -5.85 4.32 14.92
CA ALA A 60 -5.27 5.60 15.30
C ALA A 60 -5.19 5.81 16.81
N GLY A 61 -6.28 5.53 17.51
CA GLY A 61 -6.30 5.72 18.95
C GLY A 61 -5.29 4.93 19.74
N VAL A 62 -4.81 3.83 19.17
CA VAL A 62 -3.84 2.98 19.84
C VAL A 62 -2.42 3.16 19.29
N SER A 63 -2.19 2.65 18.09
CA SER A 63 -0.86 2.72 17.48
C SER A 63 -0.50 4.08 16.90
N GLY A 64 -1.48 4.85 16.47
CA GLY A 64 -1.22 6.13 15.85
C GLY A 64 -1.47 5.98 14.36
N ALA A 65 -1.77 4.73 13.99
CA ALA A 65 -2.09 4.31 12.63
C ALA A 65 -1.11 4.67 11.50
N HIS A 66 0.09 4.10 11.56
CA HIS A 66 1.09 4.31 10.51
C HIS A 66 0.65 3.41 9.37
N LEU A 67 0.61 2.11 9.65
CA LEU A 67 0.15 1.13 8.67
C LEU A 67 0.94 1.21 7.38
N ASN A 68 2.17 1.71 7.48
CA ASN A 68 3.05 1.89 6.34
C ASN A 68 4.50 2.09 6.78
N PRO A 69 5.39 1.14 6.46
CA PRO A 69 6.80 1.29 6.85
C PRO A 69 7.37 2.64 6.43
N ALA A 70 6.97 3.12 5.25
CA ALA A 70 7.45 4.41 4.74
C ALA A 70 7.03 5.54 5.68
N VAL A 71 5.80 5.44 6.16
CA VAL A 71 5.28 6.45 7.07
C VAL A 71 5.96 6.38 8.44
N THR A 72 6.30 5.18 8.86
CA THR A 72 6.94 5.00 10.16
C THR A 72 8.36 5.56 10.17
N ILE A 73 9.11 5.23 9.13
CA ILE A 73 10.48 5.71 9.02
C ILE A 73 10.47 7.23 8.94
N ALA A 74 9.52 7.79 8.19
CA ALA A 74 9.43 9.23 8.04
C ALA A 74 9.02 9.95 9.32
N LEU A 75 8.14 9.33 10.11
CA LEU A 75 7.70 9.93 11.36
C LEU A 75 8.83 9.91 12.38
N TRP A 76 9.67 8.88 12.26
CA TRP A 76 10.82 8.72 13.14
C TRP A 76 11.80 9.85 12.84
N LEU A 77 12.19 9.98 11.58
CA LEU A 77 13.13 11.00 11.17
C LEU A 77 12.65 12.44 11.26
N PHE A 78 11.33 12.67 11.16
CA PHE A 78 10.82 14.04 11.20
C PHE A 78 9.72 14.38 12.21
N ALA A 79 9.10 13.38 12.82
CA ALA A 79 8.04 13.66 13.78
C ALA A 79 8.39 13.13 15.16
N CYS A 80 9.68 12.96 15.42
CA CYS A 80 10.15 12.48 16.73
C CYS A 80 9.48 11.17 17.17
N PHE A 81 9.37 10.21 16.27
CA PHE A 81 8.75 8.91 16.60
C PHE A 81 9.80 8.01 17.23
N ASP A 82 9.44 7.40 18.36
CA ASP A 82 10.32 6.52 19.10
C ASP A 82 10.98 5.46 18.19
N LYS A 83 12.29 5.57 17.98
CA LYS A 83 12.98 4.62 17.11
C LYS A 83 12.92 3.20 17.63
N ARG A 84 12.75 3.04 18.94
CA ARG A 84 12.66 1.71 19.49
C ARG A 84 11.42 1.03 18.93
N LYS A 85 10.45 1.87 18.54
CA LYS A 85 9.17 1.40 17.99
C LYS A 85 9.15 1.17 16.48
N VAL A 86 10.17 1.65 15.79
CA VAL A 86 10.25 1.51 14.35
C VAL A 86 10.20 0.08 13.80
N ILE A 87 11.14 -0.77 14.20
CA ILE A 87 11.14 -2.14 13.69
C ILE A 87 9.93 -2.94 14.18
N PRO A 88 9.59 -2.84 15.47
CA PRO A 88 8.41 -3.62 15.87
C PRO A 88 7.20 -3.29 14.98
N PHE A 89 7.02 -1.99 14.69
CA PHE A 89 5.91 -1.54 13.84
C PHE A 89 6.00 -2.11 12.44
N ILE A 90 7.15 -1.99 11.81
CA ILE A 90 7.36 -2.48 10.44
C ILE A 90 7.12 -3.98 10.29
N VAL A 91 7.46 -4.76 11.31
CA VAL A 91 7.28 -6.21 11.26
C VAL A 91 5.81 -6.55 11.43
N SER A 92 5.08 -5.70 12.15
CA SER A 92 3.67 -5.91 12.38
C SER A 92 2.92 -5.59 11.07
N GLN A 93 3.29 -4.44 10.48
CA GLN A 93 2.68 -3.98 9.25
C GLN A 93 2.81 -5.03 8.15
N VAL A 94 4.03 -5.51 7.93
CA VAL A 94 4.29 -6.53 6.91
C VAL A 94 3.61 -7.86 7.23
N ALA A 95 3.51 -8.21 8.51
CA ALA A 95 2.87 -9.47 8.90
C ALA A 95 1.36 -9.44 8.68
N GLY A 96 0.73 -8.31 8.98
CA GLY A 96 -0.71 -8.18 8.79
C GLY A 96 -1.06 -8.20 7.31
N ALA A 97 -0.29 -7.50 6.50
CA ALA A 97 -0.54 -7.46 5.06
C ALA A 97 -0.39 -8.88 4.52
N PHE A 98 0.59 -9.60 5.05
CA PHE A 98 0.83 -10.97 4.64
C PHE A 98 -0.40 -11.83 4.89
N CYS A 99 -0.80 -11.90 6.17
CA CYS A 99 -1.95 -12.69 6.58
C CYS A 99 -3.24 -12.29 5.90
N ALA A 100 -3.46 -10.98 5.75
CA ALA A 100 -4.66 -10.46 5.10
C ALA A 100 -4.72 -10.97 3.67
N ALA A 101 -3.60 -10.91 2.96
CA ALA A 101 -3.55 -11.40 1.59
C ALA A 101 -3.94 -12.88 1.58
N ALA A 102 -3.40 -13.64 2.52
CA ALA A 102 -3.70 -15.05 2.60
C ALA A 102 -5.20 -15.24 2.85
N LEU A 103 -5.78 -14.36 3.66
CA LEU A 103 -7.20 -14.45 3.98
C LEU A 103 -8.06 -14.18 2.75
N VAL A 104 -7.67 -13.19 1.95
CA VAL A 104 -8.42 -12.84 0.76
C VAL A 104 -8.33 -13.98 -0.23
N TYR A 105 -7.16 -14.60 -0.34
CA TYR A 105 -6.97 -15.72 -1.25
C TYR A 105 -7.82 -16.89 -0.74
N GLY A 106 -7.84 -17.06 0.58
CA GLY A 106 -8.62 -18.14 1.16
C GLY A 106 -10.07 -18.06 0.72
N LEU A 107 -10.66 -16.87 0.84
CA LEU A 107 -12.07 -16.67 0.48
C LEU A 107 -12.37 -16.72 -1.01
N TYR A 108 -11.40 -16.33 -1.83
CA TYR A 108 -11.55 -16.32 -3.29
C TYR A 108 -10.89 -17.54 -3.95
N TYR A 109 -10.30 -18.42 -3.15
CA TYR A 109 -9.61 -19.63 -3.62
C TYR A 109 -10.14 -20.24 -4.93
N ASN A 110 -11.40 -20.63 -4.94
CA ASN A 110 -12.02 -21.24 -6.10
C ASN A 110 -11.99 -20.40 -7.36
N LEU A 111 -12.33 -19.13 -7.21
CA LEU A 111 -12.35 -18.25 -8.37
C LEU A 111 -10.99 -18.16 -9.04
N PHE A 112 -9.93 -18.23 -8.25
CA PHE A 112 -8.59 -18.17 -8.82
C PHE A 112 -8.31 -19.38 -9.70
N PHE A 113 -8.60 -20.56 -9.19
CA PHE A 113 -8.38 -21.77 -9.97
C PHE A 113 -9.30 -21.93 -11.16
N ASP A 114 -10.58 -21.69 -10.96
CA ASP A 114 -11.55 -21.81 -12.05
C ASP A 114 -11.23 -20.82 -13.15
N PHE A 115 -10.73 -19.65 -12.79
CA PHE A 115 -10.39 -18.63 -13.78
C PHE A 115 -9.17 -19.04 -14.58
N GLU A 116 -8.14 -19.54 -13.89
CA GLU A 116 -6.91 -19.96 -14.54
C GLU A 116 -7.13 -21.15 -15.47
N GLN A 117 -8.05 -22.03 -15.11
CA GLN A 117 -8.35 -23.19 -15.93
C GLN A 117 -9.09 -22.75 -17.20
N THR A 118 -10.09 -21.90 -17.03
CA THR A 118 -10.89 -21.39 -18.14
C THR A 118 -10.03 -20.66 -19.17
N HIS A 119 -9.26 -19.70 -18.71
CA HIS A 119 -8.40 -18.89 -19.58
C HIS A 119 -7.01 -19.50 -19.82
N HIS A 120 -6.85 -20.78 -19.50
CA HIS A 120 -5.58 -21.49 -19.70
C HIS A 120 -4.39 -20.68 -19.27
N ILE A 121 -4.38 -20.30 -17.99
CA ILE A 121 -3.29 -19.53 -17.39
C ILE A 121 -2.51 -20.45 -16.47
N VAL A 122 -1.20 -20.52 -16.70
CA VAL A 122 -0.31 -21.34 -15.89
C VAL A 122 0.25 -20.52 -14.71
N ARG A 123 -0.28 -20.74 -13.52
CA ARG A 123 0.21 -19.97 -12.39
C ARG A 123 1.72 -20.12 -12.25
N GLY A 124 2.40 -19.00 -12.13
CA GLY A 124 3.84 -19.01 -11.98
C GLY A 124 4.51 -18.60 -13.28
N SER A 125 3.75 -18.67 -14.37
CA SER A 125 4.30 -18.28 -15.67
C SER A 125 4.28 -16.76 -15.79
N VAL A 126 4.98 -16.24 -16.79
CA VAL A 126 5.03 -14.79 -17.00
C VAL A 126 3.64 -14.21 -17.20
N GLU A 127 2.76 -15.00 -17.82
CA GLU A 127 1.42 -14.56 -18.08
C GLU A 127 0.54 -14.52 -16.83
N SER A 128 0.99 -15.14 -15.75
CA SER A 128 0.18 -15.16 -14.52
C SER A 128 0.43 -13.94 -13.65
N VAL A 129 1.33 -13.06 -14.08
CA VAL A 129 1.61 -11.86 -13.30
C VAL A 129 0.33 -11.04 -13.19
N ASP A 130 -0.50 -11.08 -14.22
CA ASP A 130 -1.75 -10.33 -14.22
C ASP A 130 -2.58 -10.66 -13.00
N LEU A 131 -2.75 -11.94 -12.72
CA LEU A 131 -3.53 -12.33 -11.54
C LEU A 131 -2.73 -12.10 -10.26
N ALA A 132 -1.41 -12.17 -10.37
CA ALA A 132 -0.56 -11.93 -9.19
C ALA A 132 -0.79 -10.48 -8.77
N GLY A 133 -1.13 -9.65 -9.76
CA GLY A 133 -1.39 -8.24 -9.53
C GLY A 133 -2.49 -8.07 -8.50
N THR A 134 -3.26 -9.13 -8.30
CA THR A 134 -4.34 -9.13 -7.33
C THR A 134 -3.82 -8.81 -5.93
N PHE A 135 -2.56 -9.16 -5.66
CA PHE A 135 -1.99 -8.95 -4.33
C PHE A 135 -1.03 -7.78 -4.16
N SER A 136 -0.10 -7.65 -5.10
CA SER A 136 0.88 -6.58 -5.03
C SER A 136 0.93 -5.81 -6.34
N THR A 137 1.79 -4.81 -6.41
CA THR A 137 1.89 -3.98 -7.60
C THR A 137 2.97 -4.37 -8.61
N TYR A 138 2.73 -3.98 -9.86
CA TYR A 138 3.65 -4.27 -10.95
C TYR A 138 3.75 -3.05 -11.85
N PRO A 139 4.84 -2.93 -12.63
CA PRO A 139 5.00 -1.78 -13.52
C PRO A 139 4.24 -1.87 -14.85
N ASN A 140 3.69 -0.75 -15.29
CA ASN A 140 2.96 -0.70 -16.55
C ASN A 140 3.93 -1.19 -17.64
N PRO A 141 3.42 -1.92 -18.64
CA PRO A 141 4.27 -2.44 -19.73
C PRO A 141 5.20 -1.43 -20.41
N HIS A 142 4.76 -0.19 -20.57
CA HIS A 142 5.54 0.84 -21.24
C HIS A 142 6.64 1.55 -20.43
N ILE A 143 6.85 1.17 -19.18
CA ILE A 143 7.88 1.84 -18.39
C ILE A 143 8.86 0.85 -17.74
N ASN A 144 10.07 1.32 -17.47
CA ASN A 144 11.11 0.47 -16.87
C ASN A 144 11.26 0.63 -15.36
N PHE A 145 12.28 -0.02 -14.82
CA PHE A 145 12.58 0.01 -13.40
C PHE A 145 12.75 1.42 -12.84
N VAL A 146 13.60 2.23 -13.46
CA VAL A 146 13.85 3.59 -12.98
C VAL A 146 12.64 4.52 -13.10
N GLN A 147 11.91 4.41 -14.21
CA GLN A 147 10.72 5.24 -14.42
C GLN A 147 9.73 4.88 -13.32
N ALA A 148 9.60 3.58 -13.05
CA ALA A 148 8.68 3.09 -12.04
C ALA A 148 9.10 3.57 -10.66
N PHE A 149 10.41 3.68 -10.44
CA PHE A 149 10.92 4.12 -9.14
C PHE A 149 10.56 5.58 -8.92
N ALA A 150 10.65 6.37 -9.99
CA ALA A 150 10.32 7.79 -9.94
C ALA A 150 8.88 7.96 -9.50
N VAL A 151 7.97 7.20 -10.12
CA VAL A 151 6.54 7.27 -9.81
C VAL A 151 6.23 7.02 -8.33
N GLU A 152 6.67 5.88 -7.81
CA GLU A 152 6.40 5.55 -6.42
C GLU A 152 7.00 6.61 -5.50
N MET A 153 8.17 7.10 -5.88
CA MET A 153 8.86 8.11 -5.11
C MET A 153 8.04 9.39 -5.02
N VAL A 154 7.69 9.94 -6.17
CA VAL A 154 6.93 11.18 -6.21
C VAL A 154 5.61 11.08 -5.46
N ILE A 155 4.79 10.10 -5.82
CA ILE A 155 3.50 9.93 -5.19
C ILE A 155 3.53 9.71 -3.69
N THR A 156 4.48 8.93 -3.18
CA THR A 156 4.54 8.70 -1.74
C THR A 156 4.93 10.00 -1.04
N ALA A 157 5.73 10.82 -1.72
CA ALA A 157 6.16 12.09 -1.17
C ALA A 157 4.90 12.91 -0.96
N ILE A 158 4.04 12.92 -1.97
CA ILE A 158 2.79 13.65 -1.91
C ILE A 158 1.90 13.06 -0.81
N LEU A 159 1.90 11.73 -0.70
CA LEU A 159 1.11 11.04 0.31
C LEU A 159 1.52 11.53 1.69
N MET A 160 2.82 11.44 1.98
CA MET A 160 3.36 11.87 3.25
C MET A 160 3.11 13.37 3.49
N GLY A 161 3.43 14.17 2.48
CA GLY A 161 3.25 15.61 2.59
C GLY A 161 1.84 16.02 2.97
N LEU A 162 0.85 15.43 2.31
CA LEU A 162 -0.54 15.75 2.57
C LEU A 162 -1.04 15.10 3.84
N ILE A 163 -0.45 13.95 4.20
CA ILE A 163 -0.87 13.31 5.45
C ILE A 163 -0.53 14.28 6.59
N LEU A 164 0.63 14.92 6.49
CA LEU A 164 1.07 15.86 7.50
C LEU A 164 0.20 17.10 7.45
N ALA A 165 -0.07 17.58 6.24
CA ALA A 165 -0.90 18.76 6.04
C ALA A 165 -2.29 18.57 6.62
N LEU A 166 -2.90 17.41 6.34
CA LEU A 166 -4.24 17.12 6.84
C LEU A 166 -4.30 16.90 8.35
N THR A 167 -3.18 16.56 8.96
CA THR A 167 -3.13 16.32 10.41
C THR A 167 -2.47 17.47 11.17
N ASP A 168 -1.89 18.42 10.44
CA ASP A 168 -1.23 19.58 11.03
C ASP A 168 -2.29 20.54 11.57
N ASP A 169 -2.55 20.48 12.88
CA ASP A 169 -3.56 21.35 13.48
C ASP A 169 -3.27 22.85 13.41
N GLY A 170 -2.06 23.21 13.02
CA GLY A 170 -1.72 24.61 12.91
C GLY A 170 -1.95 25.09 11.49
N ASN A 171 -2.38 24.18 10.63
CA ASN A 171 -2.63 24.51 9.24
C ASN A 171 -4.13 24.63 9.00
N GLY A 172 -4.62 25.85 8.84
CA GLY A 172 -6.04 26.04 8.60
C GLY A 172 -6.87 25.43 9.70
N VAL A 173 -8.19 25.39 9.52
CA VAL A 173 -9.07 24.83 10.53
C VAL A 173 -8.74 23.36 10.71
N PRO A 174 -8.65 22.89 11.98
CA PRO A 174 -8.33 21.48 12.23
C PRO A 174 -9.44 20.58 11.66
N ARG A 175 -9.08 19.42 11.12
CA ARG A 175 -10.08 18.52 10.54
C ARG A 175 -10.77 17.62 11.55
N GLY A 176 -10.15 17.40 12.70
CA GLY A 176 -10.76 16.55 13.70
C GLY A 176 -11.03 15.14 13.20
N PRO A 177 -12.25 14.61 13.40
CA PRO A 177 -12.59 13.26 12.96
C PRO A 177 -12.65 13.07 11.45
N LEU A 178 -12.45 14.15 10.70
CA LEU A 178 -12.46 14.10 9.25
C LEU A 178 -11.11 13.69 8.65
N ALA A 179 -10.05 13.84 9.45
CA ALA A 179 -8.69 13.54 8.99
C ALA A 179 -8.52 12.19 8.27
N PRO A 180 -8.91 11.09 8.92
CA PRO A 180 -8.76 9.78 8.29
C PRO A 180 -9.46 9.70 6.94
N LEU A 181 -10.72 10.10 6.90
CA LEU A 181 -11.50 10.07 5.67
C LEU A 181 -10.79 10.80 4.56
N LEU A 182 -10.30 12.00 4.86
CA LEU A 182 -9.60 12.81 3.86
C LEU A 182 -8.33 12.13 3.39
N ILE A 183 -7.66 11.45 4.31
CA ILE A 183 -6.45 10.74 3.93
C ILE A 183 -6.85 9.64 2.94
N GLY A 184 -8.08 9.15 3.08
CA GLY A 184 -8.59 8.11 2.21
C GLY A 184 -8.81 8.61 0.80
N LEU A 185 -9.53 9.74 0.68
CA LEU A 185 -9.82 10.32 -0.63
C LEU A 185 -8.51 10.74 -1.31
N LEU A 186 -7.56 11.22 -0.50
CA LEU A 186 -6.25 11.61 -1.04
C LEU A 186 -5.67 10.37 -1.71
N ILE A 187 -5.65 9.27 -0.97
CA ILE A 187 -5.14 8.03 -1.52
C ILE A 187 -5.95 7.67 -2.77
N ALA A 188 -7.23 7.97 -2.74
CA ALA A 188 -8.10 7.68 -3.87
C ALA A 188 -7.62 8.41 -5.13
N VAL A 189 -7.45 9.73 -5.03
CA VAL A 189 -7.03 10.51 -6.19
C VAL A 189 -5.63 10.21 -6.69
N ILE A 190 -4.73 9.79 -5.79
CA ILE A 190 -3.37 9.43 -6.20
C ILE A 190 -3.49 8.12 -7.00
N GLY A 191 -4.37 7.24 -6.54
CA GLY A 191 -4.54 5.98 -7.21
C GLY A 191 -5.22 6.11 -8.56
N ALA A 192 -6.03 7.15 -8.71
CA ALA A 192 -6.75 7.36 -9.96
C ALA A 192 -5.94 8.17 -10.98
N SER A 193 -5.07 9.04 -10.48
CA SER A 193 -4.25 9.88 -11.35
C SER A 193 -2.91 9.24 -11.74
N MET A 194 -2.34 8.46 -10.82
CA MET A 194 -1.04 7.81 -11.05
C MET A 194 -1.07 6.29 -11.01
N GLY A 195 -2.20 5.73 -10.61
CA GLY A 195 -2.32 4.28 -10.51
C GLY A 195 -1.90 3.41 -11.68
N PRO A 196 -2.37 3.69 -12.91
CA PRO A 196 -2.03 2.90 -14.08
C PRO A 196 -0.53 2.73 -14.36
N LEU A 197 0.30 3.52 -13.69
CA LEU A 197 1.75 3.42 -13.90
C LEU A 197 2.42 2.31 -13.09
N THR A 198 2.19 2.30 -11.77
CA THR A 198 2.80 1.28 -10.92
C THR A 198 1.88 0.69 -9.85
N GLY A 199 0.58 0.93 -9.96
CA GLY A 199 -0.35 0.39 -8.99
C GLY A 199 -0.38 1.10 -7.65
N PHE A 200 0.06 2.35 -7.64
CA PHE A 200 0.13 3.19 -6.44
C PHE A 200 0.38 2.49 -5.10
N ALA A 201 1.41 1.65 -5.09
CA ALA A 201 1.81 0.92 -3.87
C ALA A 201 2.12 1.88 -2.72
N MET A 202 3.20 2.65 -2.85
CA MET A 202 3.61 3.63 -1.83
C MET A 202 3.51 3.17 -0.36
N ASN A 203 3.71 1.87 -0.14
CA ASN A 203 3.66 1.28 1.19
C ASN A 203 4.43 -0.06 1.08
N PRO A 204 5.70 -0.08 1.56
CA PRO A 204 6.51 -1.30 1.50
C PRO A 204 5.79 -2.54 2.01
N ALA A 205 5.11 -2.41 3.14
CA ALA A 205 4.37 -3.53 3.73
C ALA A 205 3.20 -3.98 2.85
N ARG A 206 2.52 -3.02 2.23
CA ARG A 206 1.37 -3.32 1.39
C ARG A 206 1.76 -4.15 0.18
N ASP A 207 3.01 -4.02 -0.25
CA ASP A 207 3.48 -4.73 -1.43
C ASP A 207 4.34 -5.99 -1.16
N PHE A 208 5.32 -5.86 -0.27
CA PHE A 208 6.20 -6.98 0.03
C PHE A 208 5.48 -8.16 0.68
N GLY A 209 4.70 -7.89 1.72
CA GLY A 209 3.97 -8.95 2.39
C GLY A 209 3.19 -9.76 1.39
N PRO A 210 2.20 -9.16 0.72
CA PRO A 210 1.37 -9.86 -0.27
C PRO A 210 2.16 -10.53 -1.40
N LYS A 211 3.31 -9.96 -1.76
CA LYS A 211 4.14 -10.53 -2.81
C LYS A 211 4.71 -11.84 -2.31
N VAL A 212 5.13 -11.84 -1.05
CA VAL A 212 5.69 -13.03 -0.41
C VAL A 212 4.60 -14.09 -0.39
N PHE A 213 3.37 -13.67 -0.10
CA PHE A 213 2.27 -14.62 -0.09
C PHE A 213 2.09 -15.23 -1.49
N ALA A 214 1.89 -14.39 -2.50
CA ALA A 214 1.70 -14.84 -3.86
C ALA A 214 2.84 -15.80 -4.29
N TRP A 215 4.05 -15.50 -3.80
CA TRP A 215 5.23 -16.31 -4.09
C TRP A 215 5.03 -17.74 -3.58
N LEU A 216 4.55 -17.87 -2.34
CA LEU A 216 4.28 -19.17 -1.73
C LEU A 216 3.13 -19.91 -2.37
N ALA A 217 2.12 -19.16 -2.81
CA ALA A 217 0.90 -19.72 -3.39
C ALA A 217 0.98 -20.25 -4.83
N GLY A 218 2.19 -20.32 -5.39
CA GLY A 218 2.29 -20.85 -6.73
C GLY A 218 2.73 -19.88 -7.81
N TRP A 219 2.85 -18.60 -7.49
CA TRP A 219 3.28 -17.63 -8.50
C TRP A 219 4.80 -17.64 -8.63
N GLY A 220 5.48 -18.24 -7.64
CA GLY A 220 6.93 -18.33 -7.67
C GLY A 220 7.68 -17.03 -7.86
N ASN A 221 8.80 -17.12 -8.59
CA ASN A 221 9.69 -15.98 -8.84
C ASN A 221 9.06 -14.74 -9.51
N VAL A 222 8.12 -14.92 -10.44
CA VAL A 222 7.51 -13.74 -11.08
C VAL A 222 6.77 -12.86 -10.09
N ALA A 223 6.39 -13.40 -8.95
CA ALA A 223 5.71 -12.59 -7.96
C ALA A 223 6.64 -11.46 -7.54
N PHE A 224 7.96 -11.72 -7.61
CA PHE A 224 8.97 -10.73 -7.23
C PHE A 224 9.50 -9.95 -8.42
N THR A 225 9.75 -10.65 -9.52
CA THR A 225 10.31 -10.04 -10.71
C THR A 225 9.30 -9.35 -11.62
N GLY A 226 8.07 -9.83 -11.60
CA GLY A 226 7.06 -9.25 -12.47
C GLY A 226 7.33 -9.66 -13.90
N GLY A 227 8.32 -10.53 -14.09
CA GLY A 227 8.68 -10.99 -15.42
C GLY A 227 9.57 -9.97 -16.10
N ARG A 228 10.49 -9.38 -15.34
CA ARG A 228 11.40 -8.37 -15.87
C ARG A 228 12.87 -8.67 -15.49
N ASP A 229 13.82 -7.92 -16.06
CA ASP A 229 15.24 -8.14 -15.78
C ASP A 229 15.67 -7.74 -14.38
N ILE A 230 15.24 -6.58 -13.93
CA ILE A 230 15.58 -6.14 -12.58
C ILE A 230 14.39 -6.52 -11.70
N PRO A 231 14.64 -7.24 -10.59
CA PRO A 231 13.58 -7.66 -9.67
C PRO A 231 12.72 -6.47 -9.25
N TYR A 232 11.48 -6.44 -9.70
CA TYR A 232 10.60 -5.32 -9.41
C TYR A 232 10.27 -4.99 -7.96
N PHE A 233 10.26 -5.99 -7.09
CA PHE A 233 9.91 -5.76 -5.69
C PHE A 233 10.75 -4.67 -5.01
N LEU A 234 11.90 -4.34 -5.58
CA LEU A 234 12.75 -3.31 -5.01
C LEU A 234 12.14 -1.92 -5.10
N VAL A 235 11.33 -1.67 -6.13
CA VAL A 235 10.69 -0.36 -6.30
C VAL A 235 9.64 -0.05 -5.23
N PRO A 236 8.68 -0.95 -5.00
CA PRO A 236 7.67 -0.68 -3.98
C PRO A 236 8.28 -0.78 -2.59
N LEU A 237 9.51 -1.28 -2.54
CA LEU A 237 10.22 -1.47 -1.29
C LEU A 237 10.99 -0.21 -0.87
N PHE A 238 11.83 0.30 -1.77
CA PHE A 238 12.63 1.49 -1.44
C PHE A 238 12.08 2.80 -1.99
N GLY A 239 11.40 2.75 -3.13
CA GLY A 239 10.84 3.97 -3.70
C GLY A 239 9.94 4.67 -2.69
N PRO A 240 8.99 3.95 -2.09
CA PRO A 240 8.12 4.61 -1.11
C PRO A 240 8.90 5.25 0.05
N ILE A 241 9.89 4.53 0.58
CA ILE A 241 10.67 5.04 1.70
C ILE A 241 11.38 6.35 1.37
N VAL A 242 12.05 6.41 0.22
CA VAL A 242 12.74 7.62 -0.17
C VAL A 242 11.75 8.78 -0.28
N GLY A 243 10.68 8.55 -1.03
CA GLY A 243 9.66 9.56 -1.23
C GLY A 243 8.98 10.06 0.04
N ALA A 244 8.69 9.14 0.96
CA ALA A 244 8.04 9.52 2.20
C ALA A 244 8.93 10.51 2.97
N ILE A 245 10.25 10.33 2.84
CA ILE A 245 11.20 11.22 3.49
C ILE A 245 11.23 12.57 2.77
N VAL A 246 11.24 12.53 1.43
CA VAL A 246 11.24 13.75 0.62
C VAL A 246 9.97 14.55 0.92
N GLY A 247 8.84 13.85 0.97
CA GLY A 247 7.58 14.51 1.24
C GLY A 247 7.56 15.13 2.63
N ALA A 248 7.92 14.34 3.65
CA ALA A 248 7.95 14.82 5.03
C ALA A 248 8.86 16.05 5.15
N PHE A 249 9.98 16.02 4.45
CA PHE A 249 10.92 17.13 4.49
C PHE A 249 10.26 18.34 3.83
N ALA A 250 9.75 18.13 2.61
CA ALA A 250 9.10 19.18 1.85
C ALA A 250 8.03 19.93 2.63
N TYR A 251 7.21 19.21 3.39
CA TYR A 251 6.16 19.88 4.15
C TYR A 251 6.75 20.79 5.23
N ARG A 252 7.63 20.22 6.04
CA ARG A 252 8.26 20.98 7.12
C ARG A 252 8.98 22.23 6.63
N LYS A 253 9.56 22.15 5.43
CA LYS A 253 10.28 23.27 4.85
C LYS A 253 9.41 24.30 4.16
N LEU A 254 8.72 23.88 3.10
CA LEU A 254 7.89 24.79 2.32
C LEU A 254 6.54 25.21 2.91
N ILE A 255 5.98 24.41 3.83
CA ILE A 255 4.68 24.76 4.41
C ILE A 255 4.72 24.98 5.91
N GLY A 256 5.19 23.99 6.66
CA GLY A 256 5.25 24.13 8.10
C GLY A 256 6.01 25.35 8.55
N ARG A 257 7.17 25.59 7.93
CA ARG A 257 8.01 26.73 8.28
C ARG A 257 7.28 28.06 8.18
N HIS A 258 6.22 28.09 7.37
CA HIS A 258 5.44 29.31 7.17
C HIS A 258 4.04 29.27 7.78
N LEU A 259 3.93 28.64 8.94
CA LEU A 259 2.67 28.52 9.65
C LEU A 259 2.74 29.23 11.01
C1 BOG B . -0.94 -22.87 -2.01
O1 BOG B . -1.24 -21.72 -1.32
C2 BOG B . -1.70 -22.88 -3.33
O2 BOG B . -3.10 -22.92 -3.07
C3 BOG B . -1.31 -24.11 -4.16
O3 BOG B . -1.89 -24.05 -5.46
C4 BOG B . 0.22 -24.22 -4.30
O4 BOG B . 0.58 -25.46 -4.90
C5 BOG B . 0.89 -24.11 -2.92
O5 BOG B . 0.47 -22.90 -2.25
C6 BOG B . 2.41 -24.08 -3.02
O6 BOG B . 2.84 -23.27 -4.11
C1' BOG B . -1.27 -21.79 0.11
C2' BOG B . -0.17 -20.90 0.68
C3' BOG B . -0.19 -20.90 2.21
C4' BOG B . 1.00 -20.13 2.76
C5' BOG B . 0.97 -20.06 4.29
C6' BOG B . -0.22 -19.26 4.80
C7' BOG B . -0.11 -19.03 6.31
C8' BOG B . -1.17 -18.02 6.75
C1 BOG C . 14.37 -12.83 -2.58
O1 BOG C . 13.73 -11.92 -1.74
C2 BOG C . 13.73 -14.23 -2.47
O2 BOG C . 13.89 -14.76 -1.17
C3 BOG C . 14.39 -15.19 -3.48
O3 BOG C . 13.69 -16.41 -3.49
C4 BOG C . 14.42 -14.59 -4.88
O4 BOG C . 15.21 -15.41 -5.73
C5 BOG C . 15.00 -13.17 -4.86
O5 BOG C . 14.27 -12.33 -3.93
C6 BOG C . 14.98 -12.46 -6.22
O6 BOG C . 13.79 -12.73 -6.94
C1' BOG C . 14.44 -10.67 -1.53
C2' BOG C . 14.22 -10.17 -0.10
C3' BOG C . 15.03 -8.89 0.16
C4' BOG C . 14.83 -8.32 1.58
C5' BOG C . 13.41 -7.80 1.80
C6' BOG C . 13.22 -7.25 3.22
C7' BOG C . 11.77 -6.79 3.44
C8' BOG C . 11.61 -6.32 4.88
#